data_4ZN5
#
_entry.id   4ZN5
#
_cell.length_a   54.359
_cell.length_b   58.003
_cell.length_c   90.487
_cell.angle_alpha   90.000
_cell.angle_beta   90.000
_cell.angle_gamma   90.000
#
_symmetry.space_group_name_H-M   'P 21 21 21'
#
loop_
_entity.id
_entity.type
_entity.pdbx_description
1 polymer 'Tyrosine-protein phosphatase YopH'
2 non-polymer 'Divanadate Glycerol ester'
3 non-polymer 'VANADATE ION'
4 non-polymer 'ACETATE ION'
5 non-polymer GLYCEROL
6 water water
#
_entity_poly.entity_id   1
_entity_poly.type   'polypeptide(L)'
_entity_poly.pdbx_seq_one_letter_code
;MRERPHTSGHHGAGEARATAPSTVSPYGPEARAELSSRLTTLRNTLAPATNDPRYLQACGGEKLNRFRDIQCRRQTAVRA
DLNANYIQVGNTRTIACQYPLQSQLESHFRMLAENRTPVLAVLASSSEIANQRFGMPDYFRQSGTYGSITVESKMTQQVG
LGDGIMADMYTLTIREAGQKTISVPVVHVGNYPDQTAVSSEVTKALASLVDQTAETKRNMYESKGSSAVADDSKLRPVIH
CRAGVGRTAQLIGAMCMNDSRNSQLSVEDMVSQMRVQRNGIMVQKDEQLDVLIKLAEGQGRPLLNS
;
_entity_poly.pdbx_strand_id   A
#
# COMPACT_ATOMS: atom_id res chain seq x y z
N SER A 25 -6.12 29.88 9.12
CA SER A 25 -7.17 29.68 8.14
C SER A 25 -6.89 28.49 7.21
N PRO A 26 -5.61 28.28 6.84
CA PRO A 26 -5.24 27.20 5.92
C PRO A 26 -5.58 25.80 6.44
N TYR A 27 -5.70 25.68 7.76
CA TYR A 27 -6.02 24.40 8.38
C TYR A 27 -7.29 24.49 9.21
N GLY A 28 -8.08 25.55 9.00
CA GLY A 28 -9.31 25.73 9.73
C GLY A 28 -10.42 24.79 9.25
N PRO A 29 -11.54 24.81 9.97
CA PRO A 29 -12.65 23.91 9.63
C PRO A 29 -13.19 24.16 8.22
N GLU A 30 -13.15 25.41 7.77
CA GLU A 30 -13.63 25.74 6.43
C GLU A 30 -12.75 25.08 5.36
N ALA A 31 -11.44 25.18 5.52
CA ALA A 31 -10.52 24.55 4.59
C ALA A 31 -10.71 23.03 4.58
N ARG A 32 -10.89 22.46 5.76
CA ARG A 32 -11.07 21.04 5.87
C ARG A 32 -12.37 20.58 5.20
N ALA A 33 -13.44 21.35 5.39
CA ALA A 33 -14.70 21.04 4.74
C ALA A 33 -14.60 21.15 3.21
N GLU A 34 -13.83 22.13 2.73
CA GLU A 34 -13.65 22.30 1.30
C GLU A 34 -12.86 21.12 0.72
N LEU A 35 -11.82 20.69 1.43
CA LEU A 35 -11.06 19.52 1.02
C LEU A 35 -11.98 18.31 0.91
N SER A 36 -12.78 18.06 1.95
CA SER A 36 -13.68 16.91 1.93
C SER A 36 -14.69 17.01 0.78
N SER A 37 -15.18 18.22 0.52
CA SER A 37 -16.12 18.42 -0.58
C SER A 37 -15.49 18.07 -1.93
N ARG A 38 -14.28 18.56 -2.19
CA ARG A 38 -13.60 18.23 -3.44
C ARG A 38 -13.39 16.72 -3.54
N LEU A 39 -12.96 16.09 -2.45
CA LEU A 39 -12.67 14.67 -2.49
C LEU A 39 -13.93 13.83 -2.68
N THR A 40 -15.05 14.26 -2.10
CA THR A 40 -16.30 13.54 -2.24
C THR A 40 -16.79 13.57 -3.69
N THR A 41 -16.68 14.72 -4.32
CA THR A 41 -17.03 14.84 -5.73
C THR A 41 -16.20 13.84 -6.56
N LEU A 42 -14.91 13.78 -6.28
CA LEU A 42 -14.03 12.89 -7.02
C LEU A 42 -14.40 11.41 -6.81
N ARG A 43 -14.66 11.04 -5.56
CA ARG A 43 -15.10 9.69 -5.28
C ARG A 43 -16.32 9.35 -6.11
N ASN A 44 -17.27 10.27 -6.19
CA ASN A 44 -18.47 10.01 -6.97
C ASN A 44 -18.18 9.83 -8.45
N THR A 45 -17.35 10.70 -9.01
CA THR A 45 -16.97 10.61 -10.41
C THR A 45 -16.31 9.28 -10.73
N LEU A 46 -15.50 8.80 -9.78
CA LEU A 46 -14.72 7.60 -9.97
C LEU A 46 -15.46 6.32 -9.58
N ALA A 47 -16.69 6.41 -9.11
CA ALA A 47 -17.43 5.21 -8.76
C ALA A 47 -17.55 4.30 -9.98
N PRO A 48 -17.38 2.99 -9.79
CA PRO A 48 -17.40 2.10 -10.95
C PRO A 48 -18.78 1.87 -11.53
N ALA A 49 -18.90 1.99 -12.84
CA ALA A 49 -20.08 1.55 -13.57
C ALA A 49 -19.98 0.08 -13.92
N THR A 50 -21.05 -0.50 -14.44
CA THR A 50 -21.03 -1.89 -14.86
C THR A 50 -20.06 -2.05 -16.02
N ASN A 51 -19.14 -3.00 -15.90
CA ASN A 51 -18.14 -3.24 -16.93
C ASN A 51 -17.43 -1.94 -17.29
N ASP A 52 -17.07 -1.16 -16.27
CA ASP A 52 -16.45 0.16 -16.45
C ASP A 52 -15.13 0.04 -17.19
N PRO A 53 -14.95 0.75 -18.32
CA PRO A 53 -13.66 0.68 -19.03
C PRO A 53 -12.48 1.18 -18.20
N ARG A 54 -12.74 1.95 -17.15
CA ARG A 54 -11.68 2.46 -16.31
C ARG A 54 -11.15 1.43 -15.32
N TYR A 55 -11.88 0.33 -15.10
CA TYR A 55 -11.54 -0.62 -14.04
C TYR A 55 -11.26 -2.00 -14.61
N LEU A 56 -10.35 -2.70 -13.97
CA LEU A 56 -9.96 -4.04 -14.37
C LEU A 56 -11.11 -5.00 -14.15
N GLN A 57 -11.40 -5.79 -15.19
CA GLN A 57 -12.44 -6.80 -15.18
C GLN A 57 -11.77 -8.19 -15.21
N ALA A 58 -12.35 -9.12 -14.48
CA ALA A 58 -11.78 -10.46 -14.39
C ALA A 58 -11.67 -11.16 -15.73
N CYS A 59 -10.58 -11.88 -15.96
CA CYS A 59 -10.50 -12.81 -17.08
C CYS A 59 -10.64 -14.26 -16.60
N GLY A 60 -11.14 -15.14 -17.45
CA GLY A 60 -11.08 -16.57 -17.19
C GLY A 60 -11.93 -17.11 -16.05
N GLY A 61 -12.71 -16.25 -15.39
CA GLY A 61 -13.70 -16.72 -14.43
C GLY A 61 -13.31 -16.76 -12.96
N GLU A 62 -12.08 -16.38 -12.64
CA GLU A 62 -11.67 -16.36 -11.24
C GLU A 62 -12.09 -15.07 -10.55
N LYS A 63 -12.46 -15.14 -9.28
CA LYS A 63 -12.78 -13.94 -8.50
C LYS A 63 -11.57 -13.03 -8.47
N LEU A 64 -11.80 -11.75 -8.74
CA LEU A 64 -10.73 -10.78 -8.79
C LEU A 64 -10.73 -9.87 -7.56
N ASN A 65 -11.87 -9.25 -7.30
CA ASN A 65 -12.00 -8.26 -6.24
C ASN A 65 -12.46 -8.91 -4.96
N ARG A 66 -11.68 -8.70 -3.90
CA ARG A 66 -12.04 -9.18 -2.58
C ARG A 66 -13.35 -8.53 -2.11
N PHE A 67 -13.52 -7.26 -2.47
CA PHE A 67 -14.72 -6.49 -2.15
C PHE A 67 -15.31 -5.96 -3.44
N ARG A 68 -16.59 -6.24 -3.68
CA ARG A 68 -17.20 -5.97 -4.96
C ARG A 68 -17.08 -4.49 -5.38
N ASP A 69 -17.12 -3.60 -4.40
CA ASP A 69 -17.15 -2.17 -4.65
C ASP A 69 -15.77 -1.49 -4.62
N ILE A 70 -14.73 -2.30 -4.45
CA ILE A 70 -13.36 -1.79 -4.34
C ILE A 70 -12.55 -2.33 -5.51
N GLN A 71 -12.48 -1.54 -6.57
CA GLN A 71 -11.96 -2.03 -7.86
C GLN A 71 -10.58 -1.47 -8.17
N CYS A 72 -10.00 -2.01 -9.23
CA CYS A 72 -8.58 -1.79 -9.55
C CYS A 72 -8.55 -0.99 -10.85
N ARG A 73 -8.08 0.25 -10.80
CA ARG A 73 -7.95 1.06 -12.02
C ARG A 73 -7.19 0.27 -13.08
N ARG A 74 -7.75 0.17 -14.28
CA ARG A 74 -7.17 -0.71 -15.29
C ARG A 74 -5.83 -0.20 -15.78
N GLN A 75 -5.71 1.09 -16.02
CA GLN A 75 -4.52 1.55 -16.70
C GLN A 75 -3.27 1.56 -15.82
N THR A 76 -3.45 1.46 -14.51
CA THR A 76 -2.32 1.37 -13.58
C THR A 76 -2.24 -0.02 -12.92
N ALA A 77 -3.01 -0.99 -13.42
CA ALA A 77 -3.00 -2.33 -12.83
C ALA A 77 -1.64 -2.98 -13.02
N VAL A 78 -1.17 -3.69 -12.01
CA VAL A 78 0.10 -4.36 -12.08
C VAL A 78 0.01 -5.69 -12.85
N ARG A 79 -1.03 -6.47 -12.56
CA ARG A 79 -1.23 -7.79 -13.20
C ARG A 79 -2.71 -7.98 -13.49
N ALA A 80 -3.02 -8.70 -14.57
CA ALA A 80 -4.40 -8.84 -15.03
C ALA A 80 -5.27 -9.62 -14.05
N ASP A 81 -4.64 -10.37 -13.15
CA ASP A 81 -5.39 -11.20 -12.21
C ASP A 81 -5.18 -10.80 -10.77
N LEU A 82 -4.73 -9.58 -10.52
CA LEU A 82 -4.64 -9.04 -9.16
C LEU A 82 -5.38 -7.72 -9.06
N ASN A 83 -5.88 -7.43 -7.87
CA ASN A 83 -6.39 -6.11 -7.53
C ASN A 83 -5.23 -5.38 -6.84
N ALA A 84 -4.50 -4.62 -7.65
CA ALA A 84 -3.21 -4.04 -7.31
C ALA A 84 -2.89 -2.95 -8.33
N ASN A 85 -2.40 -1.81 -7.84
CA ASN A 85 -2.11 -0.67 -8.70
C ASN A 85 -0.78 -0.03 -8.42
N TYR A 86 -0.10 0.34 -9.49
CA TYR A 86 0.97 1.31 -9.42
C TYR A 86 0.39 2.66 -9.02
N ILE A 87 1.01 3.31 -8.03
CA ILE A 87 0.61 4.64 -7.61
C ILE A 87 1.84 5.53 -7.53
N GLN A 88 1.73 6.74 -8.07
CA GLN A 88 2.74 7.76 -7.91
C GLN A 88 2.07 8.99 -7.30
N VAL A 89 2.54 9.38 -6.11
CA VAL A 89 2.01 10.54 -5.39
C VAL A 89 3.15 11.56 -5.35
N GLY A 90 3.01 12.62 -6.13
CA GLY A 90 4.13 13.51 -6.37
C GLY A 90 5.19 12.76 -7.14
N ASN A 91 6.31 12.50 -6.46
CA ASN A 91 7.41 11.69 -6.98
C ASN A 91 7.47 10.28 -6.39
N THR A 92 6.64 10.00 -5.38
CA THR A 92 6.78 8.77 -4.61
C THR A 92 6.04 7.63 -5.29
N ARG A 93 6.76 6.56 -5.64
CA ARG A 93 6.21 5.44 -6.38
C ARG A 93 6.04 4.22 -5.48
N THR A 94 4.82 3.68 -5.47
CA THR A 94 4.48 2.52 -4.66
C THR A 94 3.53 1.61 -5.47
N ILE A 95 3.19 0.48 -4.87
CA ILE A 95 2.08 -0.36 -5.30
C ILE A 95 1.14 -0.50 -4.10
N ALA A 96 -0.15 -0.28 -4.33
CA ALA A 96 -1.20 -0.52 -3.34
C ALA A 96 -2.05 -1.64 -3.86
N CYS A 97 -2.37 -2.60 -2.99
CA CYS A 97 -3.16 -3.74 -3.43
C CYS A 97 -4.13 -4.20 -2.34
N GLN A 98 -5.06 -5.07 -2.71
CA GLN A 98 -5.86 -5.75 -1.72
C GLN A 98 -5.04 -6.91 -1.10
N TYR A 99 -5.48 -7.40 0.05
CA TYR A 99 -4.91 -8.63 0.58
C TYR A 99 -5.22 -9.73 -0.44
N PRO A 100 -4.21 -10.44 -0.95
CA PRO A 100 -4.50 -11.41 -2.02
C PRO A 100 -5.45 -12.51 -1.57
N LEU A 101 -6.34 -12.91 -2.46
CA LEU A 101 -7.16 -14.09 -2.24
C LEU A 101 -6.27 -15.34 -2.31
N GLN A 102 -6.74 -16.43 -1.71
CA GLN A 102 -6.00 -17.68 -1.76
C GLN A 102 -5.65 -18.05 -3.22
N SER A 103 -6.60 -17.88 -4.13
CA SER A 103 -6.39 -18.24 -5.53
C SER A 103 -5.38 -17.34 -6.24
N GLN A 104 -5.05 -16.21 -5.62
CA GLN A 104 -4.17 -15.23 -6.22
C GLN A 104 -2.73 -15.31 -5.73
N LEU A 105 -2.42 -16.24 -4.84
CA LEU A 105 -1.14 -16.18 -4.17
C LEU A 105 0.05 -16.34 -5.11
N GLU A 106 0.00 -17.30 -6.04
CA GLU A 106 1.13 -17.46 -6.95
C GLU A 106 1.39 -16.17 -7.73
N SER A 107 0.33 -15.58 -8.26
CA SER A 107 0.46 -14.34 -9.01
CA SER A 107 0.46 -14.33 -9.01
C SER A 107 0.98 -13.20 -8.14
N HIS A 108 0.48 -13.13 -6.91
CA HIS A 108 0.94 -12.13 -5.95
C HIS A 108 2.45 -12.29 -5.68
N PHE A 109 2.90 -13.53 -5.45
CA PHE A 109 4.33 -13.74 -5.26
C PHE A 109 5.14 -13.39 -6.49
N ARG A 110 4.64 -13.71 -7.68
CA ARG A 110 5.34 -13.31 -8.89
C ARG A 110 5.42 -11.78 -8.99
N MET A 111 4.35 -11.08 -8.65
CA MET A 111 4.39 -9.61 -8.60
C MET A 111 5.50 -9.17 -7.66
N LEU A 112 5.54 -9.74 -6.45
CA LEU A 112 6.54 -9.31 -5.48
C LEU A 112 7.96 -9.53 -6.01
N ALA A 113 8.20 -10.68 -6.63
CA ALA A 113 9.53 -11.01 -7.12
C ALA A 113 9.91 -10.14 -8.31
N GLU A 114 9.01 -10.00 -9.28
CA GLU A 114 9.34 -9.23 -10.48
C GLU A 114 9.60 -7.77 -10.16
N ASN A 115 8.92 -7.25 -9.14
CA ASN A 115 9.12 -5.86 -8.71
C ASN A 115 10.41 -5.68 -7.89
N ARG A 116 11.11 -6.77 -7.56
CA ARG A 116 12.29 -6.66 -6.70
C ARG A 116 11.90 -5.88 -5.44
N THR A 117 10.78 -6.28 -4.84
CA THR A 117 10.09 -5.49 -3.85
C THR A 117 11.00 -5.14 -2.69
N PRO A 118 11.20 -3.85 -2.41
CA PRO A 118 12.16 -3.50 -1.35
C PRO A 118 11.56 -3.54 0.05
N VAL A 119 10.23 -3.50 0.14
CA VAL A 119 9.51 -3.73 1.38
C VAL A 119 8.07 -4.03 1.01
N LEU A 120 7.49 -5.00 1.73
CA LEU A 120 6.07 -5.31 1.71
C LEU A 120 5.54 -4.90 3.08
N ALA A 121 4.59 -3.96 3.12
CA ALA A 121 4.00 -3.52 4.37
C ALA A 121 2.59 -4.06 4.44
N VAL A 122 2.33 -4.89 5.46
CA VAL A 122 1.02 -5.50 5.66
C VAL A 122 0.39 -4.86 6.90
N LEU A 123 -0.76 -4.23 6.70
CA LEU A 123 -1.42 -3.44 7.72
C LEU A 123 -2.72 -4.07 8.22
N ALA A 124 -3.05 -5.27 7.70
CA ALA A 124 -4.08 -6.12 8.30
C ALA A 124 -3.47 -6.79 9.53
N SER A 125 -4.21 -6.81 10.63
CA SER A 125 -3.69 -7.30 11.88
C SER A 125 -3.69 -8.82 11.94
N SER A 126 -2.97 -9.35 12.91
CA SER A 126 -3.01 -10.79 13.19
C SER A 126 -4.42 -11.29 13.49
N SER A 127 -5.20 -10.50 14.22
CA SER A 127 -6.58 -10.90 14.52
CA SER A 127 -6.57 -10.90 14.53
CA SER A 127 -6.57 -10.89 14.52
C SER A 127 -7.41 -11.01 13.26
N GLU A 128 -7.22 -10.07 12.34
CA GLU A 128 -7.95 -10.09 11.09
C GLU A 128 -7.55 -11.32 10.27
N ILE A 129 -6.24 -11.55 10.16
CA ILE A 129 -5.74 -12.67 9.38
C ILE A 129 -6.24 -14.00 9.96
N ALA A 130 -6.34 -14.08 11.29
CA ALA A 130 -6.76 -15.30 11.96
C ALA A 130 -8.24 -15.58 11.81
N ASN A 131 -9.02 -14.58 11.42
CA ASN A 131 -10.43 -14.79 11.25
C ASN A 131 -10.66 -15.44 9.89
N GLN A 132 -10.90 -16.76 9.89
CA GLN A 132 -10.93 -17.49 8.62
C GLN A 132 -12.14 -17.14 7.77
N ARG A 133 -13.15 -16.48 8.37
CA ARG A 133 -14.28 -15.97 7.58
C ARG A 133 -13.80 -14.90 6.59
N PHE A 134 -12.70 -14.22 6.88
CA PHE A 134 -12.19 -13.18 6.01
C PHE A 134 -11.37 -13.72 4.84
N GLY A 135 -10.95 -14.99 4.88
CA GLY A 135 -10.26 -15.56 3.74
C GLY A 135 -8.97 -14.82 3.38
N MET A 136 -8.17 -14.50 4.40
CA MET A 136 -6.88 -13.86 4.20
CA MET A 136 -6.88 -13.85 4.21
C MET A 136 -5.77 -14.84 4.55
N PRO A 137 -5.15 -15.43 3.53
CA PRO A 137 -4.14 -16.46 3.80
C PRO A 137 -2.94 -15.86 4.52
N ASP A 138 -2.35 -16.64 5.42
CA ASP A 138 -1.21 -16.21 6.22
C ASP A 138 0.08 -16.43 5.42
N TYR A 139 0.20 -15.69 4.31
CA TYR A 139 1.14 -16.02 3.26
C TYR A 139 2.56 -15.53 3.51
N PHE A 140 2.74 -14.66 4.49
CA PHE A 140 4.07 -14.09 4.73
C PHE A 140 4.70 -14.54 6.05
N ARG A 141 3.94 -15.24 6.89
CA ARG A 141 4.48 -15.73 8.17
C ARG A 141 4.68 -17.23 8.17
N GLN A 142 4.32 -17.88 7.07
CA GLN A 142 4.48 -19.30 6.89
C GLN A 142 5.20 -19.51 5.57
N SER A 143 5.85 -20.65 5.44
CA SER A 143 6.46 -21.05 4.19
C SER A 143 5.47 -21.90 3.41
N GLY A 144 5.68 -22.03 2.10
CA GLY A 144 4.80 -22.86 1.30
C GLY A 144 5.20 -22.88 -0.16
N THR A 145 4.49 -23.70 -0.95
CA THR A 145 4.65 -23.71 -2.39
C THR A 145 3.31 -23.44 -3.03
N TYR A 146 3.32 -22.56 -4.02
CA TYR A 146 2.12 -22.02 -4.66
C TYR A 146 2.35 -22.17 -6.15
N GLY A 147 1.77 -23.21 -6.74
CA GLY A 147 2.07 -23.52 -8.13
C GLY A 147 3.55 -23.77 -8.29
N SER A 148 4.20 -22.99 -9.13
CA SER A 148 5.63 -23.16 -9.39
C SER A 148 6.53 -22.40 -8.42
N ILE A 149 5.95 -21.63 -7.50
CA ILE A 149 6.74 -20.76 -6.64
C ILE A 149 6.85 -21.33 -5.23
N THR A 150 8.07 -21.42 -4.73
CA THR A 150 8.32 -21.85 -3.35
C THR A 150 8.76 -20.64 -2.53
N VAL A 151 8.19 -20.50 -1.35
CA VAL A 151 8.44 -19.34 -0.50
C VAL A 151 8.85 -19.82 0.88
N GLU A 152 9.90 -19.22 1.40
CA GLU A 152 10.30 -19.42 2.78
C GLU A 152 10.18 -18.12 3.55
N SER A 153 9.56 -18.17 4.71
CA SER A 153 9.46 -17.03 5.60
C SER A 153 10.39 -17.21 6.78
N LYS A 154 11.08 -16.14 7.15
CA LYS A 154 11.94 -16.11 8.33
C LYS A 154 11.60 -14.85 9.13
N MET A 155 11.55 -14.99 10.46
CA MET A 155 11.34 -13.85 11.34
C MET A 155 12.61 -13.04 11.50
N THR A 156 12.48 -11.72 11.45
CA THR A 156 13.60 -10.86 11.70
C THR A 156 13.32 -9.97 12.92
N GLN A 157 13.35 -8.66 12.74
CA GLN A 157 13.22 -7.72 13.84
C GLN A 157 11.81 -7.50 14.33
N GLN A 158 11.71 -6.82 15.47
CA GLN A 158 10.46 -6.23 15.89
C GLN A 158 10.74 -4.80 16.29
N VAL A 159 9.94 -3.87 15.77
CA VAL A 159 10.14 -2.44 16.02
C VAL A 159 8.86 -1.83 16.56
N GLY A 160 8.93 -1.25 17.75
CA GLY A 160 7.79 -0.54 18.32
C GLY A 160 7.54 0.76 17.60
N LEU A 161 6.27 1.08 17.38
CA LEU A 161 5.87 2.27 16.64
C LEU A 161 5.22 3.35 17.49
N GLY A 162 5.03 3.07 18.78
CA GLY A 162 4.31 3.97 19.68
C GLY A 162 2.94 3.42 20.03
N ASP A 163 2.41 3.84 21.18
CA ASP A 163 1.07 3.44 21.61
C ASP A 163 0.90 1.93 21.67
N GLY A 164 2.00 1.22 21.92
CA GLY A 164 1.97 -0.23 21.98
C GLY A 164 1.89 -0.93 20.64
N ILE A 165 1.83 -0.18 19.54
CA ILE A 165 1.72 -0.76 18.22
C ILE A 165 3.10 -1.30 17.84
N MET A 166 3.13 -2.52 17.30
CA MET A 166 4.37 -3.23 17.03
C MET A 166 4.44 -3.65 15.57
N ALA A 167 5.58 -3.39 14.95
CA ALA A 167 5.91 -3.90 13.63
C ALA A 167 6.75 -5.16 13.78
N ASP A 168 6.20 -6.28 13.33
CA ASP A 168 6.92 -7.54 13.25
C ASP A 168 7.48 -7.69 11.85
N MET A 169 8.77 -7.96 11.75
CA MET A 169 9.39 -8.03 10.44
C MET A 169 9.78 -9.46 10.11
N TYR A 170 9.79 -9.71 8.80
CA TYR A 170 10.09 -11.01 8.22
C TYR A 170 10.89 -10.80 6.95
N THR A 171 11.47 -11.87 6.45
CA THR A 171 11.96 -11.89 5.10
CA THR A 171 11.96 -11.89 5.09
C THR A 171 11.33 -13.06 4.38
N LEU A 172 10.84 -12.82 3.16
CA LEU A 172 10.30 -13.85 2.30
C LEU A 172 11.26 -14.15 1.19
N THR A 173 11.68 -15.40 1.07
CA THR A 173 12.55 -15.80 -0.02
C THR A 173 11.67 -16.52 -1.04
N ILE A 174 11.65 -16.00 -2.27
CA ILE A 174 10.73 -16.43 -3.31
C ILE A 174 11.55 -17.08 -4.43
N ARG A 175 11.33 -18.38 -4.65
CA ARG A 175 12.09 -19.16 -5.63
C ARG A 175 11.17 -19.75 -6.68
N GLU A 176 11.66 -19.80 -7.90
CA GLU A 176 10.90 -20.35 -9.01
C GLU A 176 11.87 -20.70 -10.13
N ALA A 177 11.75 -21.89 -10.70
CA ALA A 177 12.61 -22.26 -11.81
C ALA A 177 12.45 -21.23 -12.92
N GLY A 178 13.56 -20.84 -13.53
CA GLY A 178 13.52 -19.86 -14.60
C GLY A 178 13.50 -18.42 -14.14
N GLN A 179 13.44 -18.19 -12.83
CA GLN A 179 13.40 -16.85 -12.25
C GLN A 179 14.53 -16.68 -11.26
N LYS A 180 15.06 -15.47 -11.16
CA LYS A 180 16.01 -15.18 -10.11
C LYS A 180 15.30 -15.24 -8.77
N THR A 181 15.97 -15.77 -7.77
CA THR A 181 15.45 -15.79 -6.41
C THR A 181 15.48 -14.38 -5.84
N ILE A 182 14.38 -14.00 -5.17
CA ILE A 182 14.21 -12.66 -4.63
C ILE A 182 13.82 -12.78 -3.17
N SER A 183 14.47 -11.99 -2.31
CA SER A 183 14.07 -11.93 -0.92
C SER A 183 13.45 -10.57 -0.65
N VAL A 184 12.30 -10.59 0.01
CA VAL A 184 11.50 -9.41 0.26
C VAL A 184 11.38 -9.14 1.77
N PRO A 185 11.83 -7.96 2.22
CA PRO A 185 11.57 -7.59 3.61
C PRO A 185 10.08 -7.32 3.82
N VAL A 186 9.55 -7.74 4.96
CA VAL A 186 8.15 -7.53 5.30
C VAL A 186 8.05 -6.79 6.61
N VAL A 187 7.20 -5.75 6.63
CA VAL A 187 6.81 -5.05 7.85
C VAL A 187 5.32 -5.35 8.09
N HIS A 188 5.02 -6.10 9.15
CA HIS A 188 3.65 -6.45 9.47
C HIS A 188 3.24 -5.76 10.76
N VAL A 189 2.25 -4.88 10.68
CA VAL A 189 1.73 -4.24 11.88
C VAL A 189 0.70 -5.19 12.50
N GLY A 190 1.20 -6.14 13.27
CA GLY A 190 0.40 -7.25 13.74
C GLY A 190 -0.74 -6.89 14.66
N ASN A 191 -0.61 -5.77 15.37
CA ASN A 191 -1.68 -5.29 16.23
C ASN A 191 -2.24 -3.94 15.77
N TYR A 192 -2.28 -3.72 14.45
CA TYR A 192 -2.95 -2.54 13.92
C TYR A 192 -4.41 -2.63 14.38
N PRO A 193 -4.94 -1.58 15.00
CA PRO A 193 -6.37 -1.62 15.37
C PRO A 193 -7.28 -1.70 14.13
N ASP A 194 -8.40 -2.39 14.24
CA ASP A 194 -9.33 -2.42 13.11
C ASP A 194 -10.52 -1.49 13.28
N GLN A 195 -10.71 -0.98 14.48
CA GLN A 195 -11.89 -0.15 14.76
C GLN A 195 -11.55 1.34 14.80
N THR A 196 -10.28 1.66 14.95
CA THR A 196 -9.84 3.02 15.14
C THR A 196 -8.59 3.28 14.31
N ALA A 197 -8.29 4.56 14.07
CA ALA A 197 -7.10 4.94 13.32
C ALA A 197 -5.91 5.03 14.25
N VAL A 198 -4.73 4.72 13.72
CA VAL A 198 -3.53 5.02 14.46
C VAL A 198 -3.17 6.50 14.29
N SER A 199 -2.54 7.02 15.32
CA SER A 199 -2.22 8.43 15.40
C SER A 199 -1.22 8.86 14.35
N SER A 200 -1.08 10.16 14.16
CA SER A 200 -0.06 10.68 13.27
C SER A 200 1.34 10.28 13.72
N GLU A 201 1.58 10.21 15.02
CA GLU A 201 2.90 9.82 15.52
C GLU A 201 3.22 8.36 15.16
N VAL A 202 2.25 7.47 15.34
CA VAL A 202 2.45 6.08 14.94
C VAL A 202 2.64 5.98 13.41
N THR A 203 1.85 6.75 12.69
CA THR A 203 1.91 6.72 11.23
C THR A 203 3.28 7.19 10.74
N LYS A 204 3.80 8.25 11.35
CA LYS A 204 5.13 8.74 11.02
C LYS A 204 6.19 7.68 11.29
N ALA A 205 6.09 7.01 12.44
CA ALA A 205 7.04 5.97 12.79
C ALA A 205 6.96 4.82 11.80
N LEU A 206 5.75 4.45 11.40
CA LEU A 206 5.55 3.39 10.43
C LEU A 206 6.12 3.77 9.07
N ALA A 207 5.82 4.98 8.60
CA ALA A 207 6.36 5.44 7.33
C ALA A 207 7.89 5.46 7.35
N SER A 208 8.47 5.94 8.45
CA SER A 208 9.93 5.93 8.55
C SER A 208 10.51 4.52 8.50
N LEU A 209 9.89 3.57 9.20
CA LEU A 209 10.36 2.20 9.18
C LEU A 209 10.24 1.60 7.78
N VAL A 210 9.11 1.80 7.13
CA VAL A 210 8.90 1.25 5.80
C VAL A 210 9.89 1.86 4.80
N ASP A 211 10.02 3.19 4.84
CA ASP A 211 10.97 3.86 3.96
C ASP A 211 12.41 3.40 4.21
N GLN A 212 12.80 3.30 5.47
CA GLN A 212 14.16 2.89 5.81
C GLN A 212 14.45 1.47 5.34
N THR A 213 13.49 0.58 5.57
CA THR A 213 13.63 -0.79 5.13
C THR A 213 13.79 -0.85 3.61
N ALA A 214 12.97 -0.08 2.90
CA ALA A 214 13.07 -0.03 1.45
C ALA A 214 14.41 0.52 1.00
N GLU A 215 14.90 1.56 1.66
CA GLU A 215 16.16 2.16 1.25
C GLU A 215 17.32 1.19 1.41
N THR A 216 17.35 0.45 2.51
CA THR A 216 18.41 -0.52 2.73
C THR A 216 18.38 -1.57 1.61
N LYS A 217 17.20 -2.08 1.28
CA LYS A 217 17.10 -3.13 0.28
C LYS A 217 17.38 -2.61 -1.14
N ARG A 218 16.85 -1.43 -1.48
CA ARG A 218 17.14 -0.82 -2.76
CA ARG A 218 17.15 -0.82 -2.77
C ARG A 218 18.64 -0.62 -2.94
N ASN A 219 19.31 -0.18 -1.89
CA ASN A 219 20.74 0.01 -1.94
C ASN A 219 21.48 -1.28 -2.29
N MET A 220 21.03 -2.40 -1.75
CA MET A 220 21.64 -3.68 -2.08
C MET A 220 21.53 -3.92 -3.59
N TYR A 221 20.35 -3.71 -4.16
CA TYR A 221 20.19 -3.89 -5.60
C TYR A 221 21.10 -2.95 -6.39
N GLU A 222 21.20 -1.71 -5.95
CA GLU A 222 22.07 -0.74 -6.61
C GLU A 222 23.52 -1.22 -6.58
N SER A 223 23.94 -1.72 -5.44
CA SER A 223 25.32 -2.16 -5.26
C SER A 223 25.65 -3.36 -6.14
N LYS A 224 24.64 -4.15 -6.48
CA LYS A 224 24.81 -5.31 -7.34
C LYS A 224 24.67 -4.98 -8.81
N GLY A 225 24.24 -3.77 -9.14
CA GLY A 225 24.02 -3.37 -10.52
C GLY A 225 22.74 -3.93 -11.13
N SER A 226 21.71 -4.11 -10.32
CA SER A 226 20.44 -4.61 -10.83
C SER A 226 19.84 -3.67 -11.86
N SER A 227 19.30 -4.23 -12.94
CA SER A 227 18.65 -3.42 -13.96
C SER A 227 17.31 -2.82 -13.47
N ALA A 228 16.79 -3.33 -12.36
CA ALA A 228 15.53 -2.85 -11.81
C ALA A 228 15.62 -1.38 -11.42
N VAL A 229 16.83 -0.90 -11.17
CA VAL A 229 17.03 0.49 -10.76
C VAL A 229 16.55 1.48 -11.83
N ALA A 230 16.64 1.09 -13.09
CA ALA A 230 16.31 2.01 -14.19
C ALA A 230 14.85 1.92 -14.63
N ASP A 231 14.09 1.02 -14.01
CA ASP A 231 12.74 0.71 -14.47
C ASP A 231 11.68 1.29 -13.51
N ASP A 232 10.88 2.23 -14.02
CA ASP A 232 9.85 2.96 -13.25
C ASP A 232 8.89 2.03 -12.53
N SER A 233 8.66 0.87 -13.13
CA SER A 233 7.68 -0.06 -12.62
C SER A 233 8.19 -0.96 -11.50
N LYS A 234 9.48 -0.90 -11.20
CA LYS A 234 10.08 -1.80 -10.23
C LYS A 234 10.65 -1.07 -9.01
N LEU A 235 11.06 -1.86 -8.02
CA LEU A 235 11.62 -1.36 -6.76
C LEU A 235 10.61 -0.52 -5.97
N ARG A 236 9.33 -0.83 -6.12
CA ARG A 236 8.29 -0.10 -5.41
C ARG A 236 7.90 -0.78 -4.10
N PRO A 237 7.83 -0.04 -3.00
CA PRO A 237 7.18 -0.60 -1.82
C PRO A 237 5.77 -1.08 -2.18
N VAL A 238 5.37 -2.22 -1.62
CA VAL A 238 4.04 -2.78 -1.81
C VAL A 238 3.33 -2.70 -0.47
N ILE A 239 2.13 -2.11 -0.47
CA ILE A 239 1.38 -1.88 0.75
C ILE A 239 -0.03 -2.44 0.62
N HIS A 240 -0.49 -3.19 1.61
CA HIS A 240 -1.88 -3.57 1.68
C HIS A 240 -2.35 -3.76 3.11
N CYS A 241 -3.64 -3.52 3.29
CA CYS A 241 -4.39 -3.93 4.47
C CYS A 241 -5.31 -5.06 4.03
N ARG A 242 -6.61 -4.96 4.25
CA ARG A 242 -7.55 -5.94 3.69
C ARG A 242 -7.96 -5.51 2.28
N ALA A 243 -8.49 -4.29 2.17
CA ALA A 243 -8.96 -3.76 0.89
C ALA A 243 -7.91 -2.92 0.16
N GLY A 244 -6.89 -2.44 0.87
CA GLY A 244 -5.90 -1.60 0.22
C GLY A 244 -6.35 -0.20 -0.12
N VAL A 245 -7.28 0.35 0.67
CA VAL A 245 -7.76 1.70 0.44
C VAL A 245 -7.79 2.60 1.67
N GLY A 246 -7.68 2.03 2.87
CA GLY A 246 -7.85 2.81 4.09
C GLY A 246 -6.51 3.00 4.77
N ARG A 247 -6.15 2.05 5.62
CA ARG A 247 -4.87 2.10 6.29
CA ARG A 247 -4.87 2.10 6.29
C ARG A 247 -3.74 2.25 5.26
N THR A 248 -3.88 1.55 4.14
CA THR A 248 -2.90 1.60 3.06
C THR A 248 -2.71 3.02 2.55
N ALA A 249 -3.80 3.74 2.34
CA ALA A 249 -3.72 5.10 1.81
C ALA A 249 -3.17 6.08 2.85
N GLN A 250 -3.52 5.89 4.11
CA GLN A 250 -2.97 6.69 5.19
C GLN A 250 -1.44 6.55 5.19
N LEU A 251 -0.94 5.32 5.05
CA LEU A 251 0.51 5.10 5.03
C LEU A 251 1.16 5.70 3.79
N ILE A 252 0.58 5.47 2.62
CA ILE A 252 1.15 6.03 1.40
C ILE A 252 1.22 7.56 1.50
N GLY A 253 0.18 8.18 2.02
CA GLY A 253 0.22 9.62 2.19
C GLY A 253 1.34 10.06 3.12
N ALA A 254 1.49 9.37 4.24
CA ALA A 254 2.58 9.67 5.15
C ALA A 254 3.95 9.48 4.51
N MET A 255 4.11 8.42 3.73
CA MET A 255 5.37 8.16 3.03
C MET A 255 5.69 9.29 2.04
N CYS A 256 4.66 9.73 1.33
N CYS A 256 4.69 9.78 1.33
CA CYS A 256 4.77 10.82 0.39
CA CYS A 256 4.99 10.82 0.36
C CYS A 256 5.35 12.07 1.05
C CYS A 256 5.39 12.12 1.06
N MET A 257 4.90 12.34 2.27
CA MET A 257 5.33 13.51 3.02
C MET A 257 6.76 13.41 3.54
N ASN A 258 7.30 12.19 3.61
CA ASN A 258 8.69 11.95 3.99
CA ASN A 258 8.67 11.93 4.01
C ASN A 258 9.68 12.15 2.87
N ASP A 259 9.17 12.24 1.65
CA ASP A 259 10.00 12.29 0.46
C ASP A 259 10.42 13.73 0.16
N SER A 260 11.73 13.97 0.21
CA SER A 260 12.32 15.29 -0.01
C SER A 260 11.94 15.94 -1.35
N ARG A 261 11.48 15.15 -2.29
CA ARG A 261 11.16 15.64 -3.61
C ARG A 261 9.77 16.25 -3.71
N ASN A 262 8.94 16.11 -2.67
CA ASN A 262 7.53 16.44 -2.77
C ASN A 262 7.10 17.77 -2.17
N SER A 263 8.00 18.74 -2.11
CA SER A 263 7.64 20.05 -1.59
CA SER A 263 7.64 20.05 -1.59
C SER A 263 6.45 20.60 -2.37
N GLN A 264 5.52 21.19 -1.64
CA GLN A 264 4.33 21.86 -2.18
C GLN A 264 3.25 20.93 -2.71
N LEU A 265 3.45 19.63 -2.69
CA LEU A 265 2.39 18.69 -3.02
C LEU A 265 1.34 18.80 -1.92
N SER A 266 0.10 19.10 -2.29
CA SER A 266 -0.95 19.32 -1.31
C SER A 266 -1.63 18.02 -0.89
N VAL A 267 -2.40 18.08 0.19
CA VAL A 267 -3.20 16.92 0.57
C VAL A 267 -4.24 16.63 -0.52
N GLU A 268 -4.84 17.67 -1.09
CA GLU A 268 -5.74 17.50 -2.22
C GLU A 268 -5.06 16.74 -3.36
N ASP A 269 -3.84 17.14 -3.72
CA ASP A 269 -3.09 16.43 -4.74
C ASP A 269 -2.89 14.95 -4.38
N MET A 270 -2.43 14.68 -3.17
CA MET A 270 -2.06 13.33 -2.83
C MET A 270 -3.27 12.40 -2.86
N VAL A 271 -4.39 12.85 -2.31
CA VAL A 271 -5.57 11.99 -2.26
C VAL A 271 -6.18 11.85 -3.65
N SER A 272 -6.23 12.94 -4.41
CA SER A 272 -6.74 12.85 -5.77
CA SER A 272 -6.75 12.85 -5.77
CA SER A 272 -6.73 12.86 -5.78
C SER A 272 -5.90 11.90 -6.63
N GLN A 273 -4.59 11.95 -6.45
CA GLN A 273 -3.69 11.05 -7.18
C GLN A 273 -3.93 9.61 -6.80
N MET A 274 -4.02 9.32 -5.51
CA MET A 274 -4.32 7.95 -5.11
C MET A 274 -5.65 7.47 -5.68
N ARG A 275 -6.64 8.35 -5.71
CA ARG A 275 -7.96 7.95 -6.17
C ARG A 275 -8.01 7.69 -7.68
N VAL A 276 -7.42 8.57 -8.47
CA VAL A 276 -7.39 8.39 -9.92
C VAL A 276 -6.57 7.16 -10.32
N GLN A 277 -5.59 6.80 -9.50
CA GLN A 277 -4.68 5.71 -9.85
C GLN A 277 -5.03 4.36 -9.24
N ARG A 278 -6.05 4.31 -8.38
CA ARG A 278 -6.48 3.04 -7.80
C ARG A 278 -7.99 2.95 -7.79
N ASN A 279 -8.64 3.71 -6.92
CA ASN A 279 -10.07 3.86 -6.95
C ASN A 279 -10.50 5.01 -6.05
N GLY A 280 -11.77 5.37 -6.15
CA GLY A 280 -12.26 6.55 -5.48
C GLY A 280 -12.39 6.48 -3.98
N ILE A 281 -12.10 5.31 -3.41
CA ILE A 281 -12.20 5.05 -1.97
C ILE A 281 -10.89 5.34 -1.25
N MET A 282 -9.80 5.53 -1.97
CA MET A 282 -8.50 5.71 -1.31
C MET A 282 -8.60 6.83 -0.28
N VAL A 283 -8.14 6.53 0.93
CA VAL A 283 -8.41 7.28 2.14
C VAL A 283 -9.90 7.13 2.42
N GLN A 284 -10.23 5.97 2.96
CA GLN A 284 -11.60 5.50 3.03
C GLN A 284 -12.41 6.21 4.11
N LYS A 285 -11.74 6.56 5.21
CA LYS A 285 -12.43 7.03 6.40
C LYS A 285 -11.95 8.44 6.78
N ASP A 286 -12.86 9.23 7.31
CA ASP A 286 -12.53 10.60 7.71
C ASP A 286 -11.41 10.64 8.73
N GLU A 287 -11.36 9.64 9.58
CA GLU A 287 -10.33 9.54 10.61
C GLU A 287 -8.93 9.42 10.00
N GLN A 288 -8.84 8.74 8.86
CA GLN A 288 -7.59 8.61 8.13
C GLN A 288 -7.19 9.94 7.49
N LEU A 289 -8.15 10.64 6.88
CA LEU A 289 -7.87 11.95 6.34
C LEU A 289 -7.41 12.89 7.45
N ASP A 290 -8.01 12.80 8.64
CA ASP A 290 -7.60 13.65 9.73
C ASP A 290 -6.11 13.50 10.03
N VAL A 291 -5.60 12.27 9.98
CA VAL A 291 -4.17 12.05 10.20
C VAL A 291 -3.33 12.74 9.13
N LEU A 292 -3.72 12.57 7.86
CA LEU A 292 -2.98 13.23 6.79
C LEU A 292 -2.98 14.74 6.93
N ILE A 293 -4.12 15.31 7.34
CA ILE A 293 -4.20 16.74 7.57
C ILE A 293 -3.25 17.18 8.67
N LYS A 294 -3.21 16.42 9.76
CA LYS A 294 -2.33 16.76 10.87
C LYS A 294 -0.86 16.66 10.46
N LEU A 295 -0.50 15.62 9.71
CA LEU A 295 0.87 15.51 9.22
C LEU A 295 1.25 16.69 8.32
N ALA A 296 0.33 17.05 7.42
CA ALA A 296 0.57 18.19 6.54
C ALA A 296 0.73 19.48 7.34
N GLU A 297 -0.15 19.71 8.31
CA GLU A 297 -0.06 20.91 9.12
C GLU A 297 1.29 21.00 9.82
N GLY A 298 1.80 19.87 10.30
CA GLY A 298 3.09 19.85 10.97
C GLY A 298 4.23 20.29 10.08
N GLN A 299 4.07 20.09 8.77
CA GLN A 299 5.09 20.49 7.78
C GLN A 299 4.83 21.85 7.15
N GLY A 300 3.70 22.48 7.46
CA GLY A 300 3.28 23.68 6.75
C GLY A 300 2.93 23.40 5.30
N ARG A 301 2.53 22.17 5.01
CA ARG A 301 2.17 21.74 3.67
C ARG A 301 0.72 22.10 3.39
N PRO A 302 0.41 22.56 2.17
CA PRO A 302 -0.98 22.96 1.93
C PRO A 302 -1.98 21.81 1.92
N LEU A 303 -3.20 22.09 2.39
CA LEU A 303 -4.30 21.15 2.24
C LEU A 303 -4.92 21.22 0.85
N LEU A 304 -5.12 22.44 0.35
CA LEU A 304 -5.87 22.68 -0.87
C LEU A 304 -5.00 23.28 -1.93
N ASN A 305 -5.38 23.07 -3.19
CA ASN A 305 -4.78 23.78 -4.29
C ASN A 305 -5.49 25.09 -4.50
N SER A 306 -4.69 26.13 -4.70
CA SER A 306 -5.20 27.47 -4.92
C SER A 306 -5.76 27.57 -6.31
#